data_4CVZ
#
_entry.id   4CVZ
#
_cell.length_a   60.520
_cell.length_b   69.030
_cell.length_c   93.740
_cell.angle_alpha   90.00
_cell.angle_beta   90.00
_cell.angle_gamma   90.00
#
_symmetry.space_group_name_H-M   'P 21 21 21'
#
loop_
_entity.id
_entity.type
_entity.pdbx_description
1 polymer 'MAJOR HISTOCOMPATIBILITY COMPLEX CLASS I GLYCOPROTEIN HAPLOTYPE B21'
2 polymer BETA-2-MICROGLOBULIN
3 polymer PEPTIDE
4 non-polymer 1,2-ETHANEDIOL
5 water water
#
loop_
_entity_poly.entity_id
_entity_poly.type
_entity_poly.pdbx_seq_one_letter_code
_entity_poly.pdbx_strand_id
1 'polypeptide(L)'
;MGSCGALGLGLLLAAVCGAAAELHTLRYIRTAMTDPGPGLPWFVDVGYVDGELFMHYNSTARRAVPRTEWIAANTDQQYW
DRETQIVQGSEQINRENLDILRRRYNQTGGSHTVQWMSGCDILEDGTIRGYHQAAYDGRDFVAFDKGTMTLTAAVPEAVP
TKRKWEEGGYAEGLKQYLEETCVEWLRRYVEYGKAELGRRERPEVRVWGKEADGILTLSCRAHGFYPRPIVVSWLKDGAV
RGQDAQSGGIVPNGDGTYHTWVTIDAQPGDGDKYQCRVEHASLPQPGLYSWRSGGGLNDIFEAQKIEWHENSSSVDKLAA
ALEHHHHHH
;
A
2 'polypeptide(L)'
;DLTPKVQVYSRFPASAGTKNVLNCFAAGFHPPKISITLMKDGVPMEGAQYSDMSFNDDWTFQRLVHADFTPSSGSTYACK
VEHETLKEPQVYKWDPEF
;
B
3 'polypeptide(L)' YELDEKFDRL C
#
loop_
_chem_comp.id
_chem_comp.type
_chem_comp.name
_chem_comp.formula
EDO non-polymer 1,2-ETHANEDIOL 'C2 H6 O2'
#
# COMPACT_ATOMS: atom_id res chain seq x y z
N LEU A 23 -6.91 15.20 8.18
CA LEU A 23 -6.78 15.83 6.87
C LEU A 23 -5.40 15.59 6.26
N HIS A 24 -4.32 16.06 6.93
CA HIS A 24 -2.94 15.91 6.46
C HIS A 24 -2.15 14.96 7.36
N THR A 25 -1.41 14.02 6.74
CA THR A 25 -0.62 13.01 7.45
C THR A 25 0.78 12.82 6.87
N LEU A 26 1.76 12.56 7.75
CA LEU A 26 3.15 12.26 7.40
C LEU A 26 3.47 10.90 8.02
N ARG A 27 3.92 9.94 7.20
CA ARG A 27 4.21 8.57 7.67
C ARG A 27 5.56 8.05 7.20
N TYR A 28 6.36 7.50 8.12
CA TYR A 28 7.65 6.88 7.83
C TYR A 28 7.56 5.39 8.17
N ILE A 29 7.53 4.57 7.12
CA ILE A 29 7.37 3.11 7.17
C ILE A 29 8.75 2.43 7.04
N ARG A 30 9.25 1.85 8.15
CA ARG A 30 10.56 1.18 8.20
C ARG A 30 10.39 -0.32 8.44
N THR A 31 11.16 -1.14 7.70
CA THR A 31 11.16 -2.60 7.81
C THR A 31 12.58 -3.16 7.84
N ALA A 32 12.89 -4.00 8.85
CA ALA A 32 14.16 -4.68 9.03
C ALA A 32 13.89 -6.19 8.99
N MET A 33 14.47 -6.90 8.01
CA MET A 33 14.23 -8.33 7.78
C MET A 33 15.48 -9.20 7.88
N THR A 34 15.31 -10.45 8.34
CA THR A 34 16.37 -11.46 8.43
C THR A 34 16.37 -12.31 7.16
N ASP A 35 15.16 -12.60 6.64
CA ASP A 35 14.93 -13.39 5.43
C ASP A 35 14.07 -12.57 4.42
N PRO A 36 14.69 -11.65 3.64
CA PRO A 36 13.89 -10.84 2.71
C PRO A 36 13.47 -11.54 1.41
N GLY A 37 14.37 -12.34 0.85
CA GLY A 37 14.17 -13.05 -0.41
C GLY A 37 15.31 -12.87 -1.39
N PRO A 38 15.34 -13.63 -2.52
CA PRO A 38 16.47 -13.48 -3.45
C PRO A 38 16.45 -12.19 -4.27
N GLY A 39 17.56 -11.45 -4.20
CA GLY A 39 17.75 -10.17 -4.88
C GLY A 39 16.89 -9.05 -4.36
N LEU A 40 16.51 -9.12 -3.07
CA LEU A 40 15.66 -8.13 -2.39
C LEU A 40 16.36 -7.52 -1.16
N PRO A 41 16.18 -6.20 -0.88
CA PRO A 41 16.86 -5.61 0.29
C PRO A 41 16.26 -6.01 1.64
N TRP A 42 17.11 -6.19 2.65
CA TRP A 42 16.70 -6.56 4.00
C TRP A 42 16.10 -5.38 4.77
N PHE A 43 16.56 -4.14 4.46
CA PHE A 43 16.08 -2.92 5.10
C PHE A 43 15.43 -2.00 4.07
N VAL A 44 14.18 -1.57 4.35
CA VAL A 44 13.39 -0.68 3.48
C VAL A 44 12.75 0.43 4.34
N ASP A 45 12.96 1.70 3.94
CA ASP A 45 12.36 2.86 4.61
C ASP A 45 11.67 3.73 3.56
N VAL A 46 10.34 3.91 3.71
CA VAL A 46 9.53 4.69 2.78
C VAL A 46 8.70 5.77 3.48
N GLY A 47 8.65 6.95 2.87
CA GLY A 47 7.92 8.10 3.36
C GLY A 47 6.63 8.37 2.60
N TYR A 48 5.59 8.82 3.31
CA TYR A 48 4.28 9.11 2.74
C TYR A 48 3.71 10.45 3.20
N VAL A 49 3.13 11.21 2.27
CA VAL A 49 2.45 12.49 2.52
C VAL A 49 1.02 12.31 2.01
N ASP A 50 0.04 12.29 2.94
CA ASP A 50 -1.40 12.09 2.69
C ASP A 50 -1.68 10.74 1.99
N GLY A 51 -0.87 9.73 2.33
CA GLY A 51 -0.97 8.38 1.79
C GLY A 51 -0.23 8.16 0.47
N GLU A 52 0.47 9.19 -0.01
CA GLU A 52 1.21 9.14 -1.28
C GLU A 52 2.73 9.13 -1.06
N LEU A 53 3.41 8.18 -1.72
CA LEU A 53 4.87 7.97 -1.65
C LEU A 53 5.65 9.18 -2.19
N PHE A 54 6.66 9.64 -1.44
CA PHE A 54 7.51 10.78 -1.80
C PHE A 54 8.99 10.53 -1.48
N MET A 55 9.26 9.71 -0.45
CA MET A 55 10.59 9.38 0.02
C MET A 55 10.82 7.85 -0.05
N HIS A 56 12.04 7.44 -0.44
CA HIS A 56 12.42 6.03 -0.55
C HIS A 56 13.88 5.77 -0.18
N TYR A 57 14.12 4.65 0.53
CA TYR A 57 15.44 4.16 0.96
C TYR A 57 15.42 2.63 1.03
N ASN A 58 16.54 2.01 0.60
CA ASN A 58 16.76 0.56 0.67
C ASN A 58 18.24 0.28 0.99
N SER A 59 18.52 -0.89 1.61
CA SER A 59 19.87 -1.29 2.02
C SER A 59 20.83 -1.59 0.85
N THR A 60 20.29 -1.78 -0.38
CA THR A 60 21.09 -2.05 -1.58
C THR A 60 21.64 -0.73 -2.17
N ALA A 61 20.75 0.27 -2.35
CA ALA A 61 21.10 1.58 -2.91
C ALA A 61 21.84 2.47 -1.91
N ARG A 62 21.47 2.38 -0.61
CA ARG A 62 22.04 3.13 0.52
C ARG A 62 21.90 4.67 0.37
N ARG A 63 20.82 5.12 -0.30
CA ARG A 63 20.55 6.55 -0.54
C ARG A 63 19.06 6.90 -0.40
N ALA A 64 18.76 8.07 0.16
CA ALA A 64 17.41 8.62 0.31
C ALA A 64 17.10 9.40 -0.97
N VAL A 65 16.12 8.92 -1.76
CA VAL A 65 15.78 9.52 -3.06
C VAL A 65 14.31 10.00 -3.17
N PRO A 66 14.04 11.10 -3.93
CA PRO A 66 12.64 11.54 -4.10
C PRO A 66 11.85 10.60 -5.01
N ARG A 67 10.51 10.57 -4.85
CA ARG A 67 9.65 9.71 -5.67
C ARG A 67 8.61 10.49 -6.49
N THR A 68 8.38 11.76 -6.12
CA THR A 68 7.45 12.66 -6.82
C THR A 68 8.18 13.91 -7.31
N GLU A 69 7.64 14.58 -8.34
CA GLU A 69 8.23 15.78 -8.92
C GLU A 69 8.13 17.01 -8.01
N TRP A 70 7.08 17.08 -7.17
CA TRP A 70 6.87 18.22 -6.25
C TRP A 70 7.89 18.27 -5.10
N ILE A 71 8.40 17.10 -4.64
CA ILE A 71 9.38 17.07 -3.56
C ILE A 71 10.80 17.36 -4.09
N ALA A 72 11.16 16.81 -5.27
CA ALA A 72 12.48 16.99 -5.89
C ALA A 72 12.75 18.44 -6.33
N ALA A 73 11.72 19.13 -6.85
CA ALA A 73 11.82 20.51 -7.32
C ALA A 73 11.85 21.54 -6.17
N ASN A 74 11.35 21.15 -4.98
CA ASN A 74 11.28 22.05 -3.83
C ASN A 74 12.37 21.78 -2.77
N THR A 75 13.17 20.71 -2.94
CA THR A 75 14.27 20.39 -2.02
C THR A 75 15.60 20.32 -2.77
N ASP A 76 16.70 20.74 -2.10
CA ASP A 76 18.05 20.70 -2.65
C ASP A 76 18.75 19.38 -2.29
N GLN A 77 20.02 19.20 -2.73
CA GLN A 77 20.81 18.00 -2.45
C GLN A 77 21.18 17.88 -0.97
N GLN A 78 21.35 19.04 -0.28
CA GLN A 78 21.69 19.12 1.15
C GLN A 78 20.60 18.47 2.03
N TYR A 79 19.33 18.54 1.59
CA TYR A 79 18.17 17.96 2.26
C TYR A 79 18.27 16.43 2.21
N TRP A 80 18.50 15.86 1.00
CA TRP A 80 18.61 14.42 0.78
C TRP A 80 19.87 13.79 1.36
N ASP A 81 20.92 14.61 1.61
CA ASP A 81 22.17 14.16 2.23
C ASP A 81 21.96 13.91 3.72
N ARG A 82 21.22 14.81 4.39
CA ARG A 82 20.88 14.71 5.81
C ARG A 82 19.94 13.53 6.04
N GLU A 83 19.01 13.28 5.08
CA GLU A 83 18.07 12.16 5.13
C GLU A 83 18.77 10.82 4.93
N THR A 84 19.84 10.79 4.10
CA THR A 84 20.63 9.58 3.84
C THR A 84 21.38 9.12 5.09
N GLN A 85 22.16 10.03 5.73
CA GLN A 85 22.95 9.75 6.93
C GLN A 85 22.10 9.38 8.16
N ILE A 86 20.87 9.93 8.26
CA ILE A 86 19.95 9.65 9.37
C ILE A 86 19.32 8.25 9.22
N VAL A 87 19.02 7.82 7.97
CA VAL A 87 18.43 6.50 7.70
C VAL A 87 19.53 5.42 7.62
N GLN A 88 20.78 5.80 7.23
CA GLN A 88 21.93 4.88 7.20
C GLN A 88 22.25 4.41 8.63
N GLY A 89 22.08 5.33 9.59
CA GLY A 89 22.24 5.08 11.01
C GLY A 89 21.10 4.23 11.54
N SER A 90 19.86 4.52 11.06
CA SER A 90 18.63 3.80 11.40
C SER A 90 18.71 2.35 10.91
N GLU A 91 19.39 2.12 9.77
CA GLU A 91 19.62 0.82 9.16
C GLU A 91 20.56 0.01 10.08
N GLN A 92 21.61 0.66 10.62
CA GLN A 92 22.60 0.06 11.52
C GLN A 92 21.97 -0.24 12.90
N ILE A 93 21.11 0.68 13.41
CA ILE A 93 20.41 0.52 14.69
C ILE A 93 19.43 -0.66 14.62
N ASN A 94 18.66 -0.77 13.52
CA ASN A 94 17.71 -1.86 13.30
C ASN A 94 18.39 -3.20 13.00
N ARG A 95 19.65 -3.16 12.51
CA ARG A 95 20.48 -4.35 12.25
C ARG A 95 20.84 -4.98 13.59
N GLU A 96 21.15 -4.14 14.60
CA GLU A 96 21.47 -4.52 15.98
C GLU A 96 20.22 -5.07 16.66
N ASN A 97 19.07 -4.39 16.47
CA ASN A 97 17.75 -4.75 17.02
C ASN A 97 17.34 -6.18 16.69
N LEU A 98 17.60 -6.62 15.45
CA LEU A 98 17.29 -7.98 14.98
C LEU A 98 18.12 -9.03 15.74
N ASP A 99 19.39 -8.69 16.05
CA ASP A 99 20.32 -9.55 16.77
C ASP A 99 20.04 -9.56 18.29
N ILE A 100 19.70 -8.38 18.85
CA ILE A 100 19.39 -8.20 20.28
C ILE A 100 18.11 -8.95 20.67
N LEU A 101 17.02 -8.75 19.90
CA LEU A 101 15.71 -9.35 20.15
C LEU A 101 15.68 -10.87 19.93
N ARG A 102 16.52 -11.41 19.01
CA ARG A 102 16.60 -12.85 18.75
C ARG A 102 17.24 -13.59 19.94
N ARG A 103 18.20 -12.94 20.62
CA ARG A 103 18.89 -13.46 21.80
C ARG A 103 18.01 -13.32 23.04
N ARG A 104 17.21 -12.24 23.10
CA ARG A 104 16.29 -11.92 24.19
C ARG A 104 15.12 -12.91 24.23
N TYR A 105 14.55 -13.24 23.06
CA TYR A 105 13.44 -14.17 22.88
C TYR A 105 13.92 -15.64 22.87
N ASN A 106 15.26 -15.85 22.79
CA ASN A 106 15.94 -17.15 22.71
C ASN A 106 15.52 -17.96 21.46
N GLN A 107 15.34 -17.25 20.34
CA GLN A 107 14.92 -17.81 19.05
C GLN A 107 16.10 -18.36 18.26
N THR A 108 15.87 -19.46 17.53
CA THR A 108 16.88 -20.16 16.73
C THR A 108 16.56 -20.04 15.23
N GLY A 109 17.24 -19.10 14.56
CA GLY A 109 17.11 -18.82 13.13
C GLY A 109 15.70 -18.52 12.65
N GLY A 110 15.47 -18.79 11.37
CA GLY A 110 14.17 -18.58 10.72
C GLY A 110 13.93 -17.16 10.26
N SER A 111 12.65 -16.82 10.04
CA SER A 111 12.22 -15.49 9.60
C SER A 111 11.82 -14.61 10.78
N HIS A 112 12.45 -13.43 10.90
CA HIS A 112 12.20 -12.44 11.95
C HIS A 112 12.17 -11.03 11.38
N THR A 113 11.17 -10.23 11.78
CA THR A 113 10.98 -8.88 11.27
C THR A 113 10.82 -7.82 12.37
N VAL A 114 11.41 -6.64 12.15
CA VAL A 114 11.32 -5.46 13.02
C VAL A 114 10.67 -4.37 12.16
N GLN A 115 9.50 -3.89 12.60
CA GLN A 115 8.73 -2.86 11.89
C GLN A 115 8.66 -1.58 12.71
N TRP A 116 8.81 -0.43 12.04
CA TRP A 116 8.74 0.89 12.68
C TRP A 116 7.76 1.80 11.96
N MET A 117 6.94 2.53 12.75
CA MET A 117 5.98 3.49 12.24
C MET A 117 6.16 4.81 12.99
N SER A 118 6.43 5.89 12.25
CA SER A 118 6.64 7.23 12.81
C SER A 118 5.91 8.28 11.98
N GLY A 119 5.52 9.37 12.62
CA GLY A 119 4.82 10.46 11.96
C GLY A 119 3.82 11.21 12.79
N CYS A 120 3.13 12.18 12.15
CA CYS A 120 2.14 13.04 12.79
C CYS A 120 0.94 13.35 11.89
N ASP A 121 -0.22 13.62 12.50
CA ASP A 121 -1.45 13.97 11.80
C ASP A 121 -1.89 15.39 12.17
N ILE A 122 -2.14 16.23 11.16
CA ILE A 122 -2.66 17.58 11.38
C ILE A 122 -4.14 17.51 10.97
N LEU A 123 -5.01 17.35 11.97
CA LEU A 123 -6.46 17.26 11.77
C LEU A 123 -7.03 18.58 11.29
N GLU A 124 -8.14 18.52 10.54
CA GLU A 124 -8.85 19.67 9.96
C GLU A 124 -9.24 20.73 11.00
N ASP A 125 -9.49 20.31 12.26
CA ASP A 125 -9.83 21.20 13.37
C ASP A 125 -8.60 21.84 14.04
N GLY A 126 -7.40 21.40 13.65
CA GLY A 126 -6.14 21.92 14.17
C GLY A 126 -5.45 21.06 15.21
N THR A 127 -6.07 19.91 15.59
CA THR A 127 -5.52 18.98 16.58
C THR A 127 -4.34 18.20 15.99
N ILE A 128 -3.25 18.10 16.77
CA ILE A 128 -2.03 17.40 16.38
C ILE A 128 -1.92 16.06 17.14
N ARG A 129 -1.80 14.96 16.39
CA ARG A 129 -1.65 13.60 16.94
C ARG A 129 -0.29 13.04 16.50
N GLY A 130 0.51 12.62 17.48
CA GLY A 130 1.84 12.07 17.25
C GLY A 130 1.91 10.58 17.47
N TYR A 131 2.66 9.86 16.60
CA TYR A 131 2.82 8.41 16.69
C TYR A 131 4.26 7.96 16.45
N HIS A 132 4.72 7.02 17.29
CA HIS A 132 6.05 6.39 17.22
C HIS A 132 5.95 5.02 17.88
N GLN A 133 5.70 3.98 17.07
CA GLN A 133 5.54 2.61 17.56
C GLN A 133 6.28 1.55 16.74
N ALA A 134 6.63 0.42 17.38
CA ALA A 134 7.35 -0.70 16.78
C ALA A 134 6.63 -2.03 16.93
N ALA A 135 7.00 -3.01 16.08
CA ALA A 135 6.45 -4.37 16.10
C ALA A 135 7.50 -5.42 15.76
N TYR A 136 7.46 -6.54 16.49
CA TYR A 136 8.35 -7.67 16.26
C TYR A 136 7.53 -8.90 15.90
N ASP A 137 7.81 -9.47 14.71
CA ASP A 137 7.13 -10.62 14.10
C ASP A 137 5.61 -10.37 13.91
N GLY A 138 5.29 -9.16 13.44
CA GLY A 138 3.94 -8.72 13.16
C GLY A 138 3.04 -8.49 14.36
N ARG A 139 3.63 -8.36 15.55
CA ARG A 139 2.92 -8.14 16.81
C ARG A 139 3.49 -6.92 17.54
N ASP A 140 2.61 -6.09 18.11
CA ASP A 140 2.94 -4.87 18.86
C ASP A 140 4.02 -5.09 19.92
N PHE A 141 5.12 -4.33 19.84
CA PHE A 141 6.25 -4.42 20.75
C PHE A 141 6.28 -3.21 21.69
N VAL A 142 6.60 -2.01 21.17
CA VAL A 142 6.63 -0.76 21.93
C VAL A 142 5.82 0.34 21.24
N ALA A 143 5.26 1.27 22.03
CA ALA A 143 4.47 2.40 21.54
C ALA A 143 4.65 3.61 22.45
N PHE A 144 5.05 4.75 21.88
CA PHE A 144 5.26 5.96 22.66
C PHE A 144 3.95 6.68 22.94
N ASP A 145 3.69 6.98 24.23
CA ASP A 145 2.49 7.69 24.68
C ASP A 145 2.87 9.14 24.97
N LYS A 146 2.52 10.04 24.04
CA LYS A 146 2.80 11.48 24.06
C LYS A 146 2.21 12.21 25.28
N GLY A 147 1.02 11.81 25.70
CA GLY A 147 0.30 12.40 26.83
C GLY A 147 0.92 12.16 28.19
N THR A 148 1.66 11.05 28.34
CA THR A 148 2.32 10.66 29.60
C THR A 148 3.86 10.75 29.50
N MET A 149 4.41 10.83 28.26
CA MET A 149 5.84 10.90 27.93
C MET A 149 6.60 9.66 28.43
N THR A 150 6.06 8.47 28.12
CA THR A 150 6.62 7.17 28.48
C THR A 150 6.46 6.18 27.33
N LEU A 151 7.42 5.26 27.18
CA LEU A 151 7.39 4.22 26.15
C LEU A 151 6.65 3.01 26.72
N THR A 152 5.46 2.71 26.17
CA THR A 152 4.61 1.61 26.61
C THR A 152 5.11 0.27 26.03
N ALA A 153 5.36 -0.69 26.93
CA ALA A 153 5.81 -2.04 26.59
C ALA A 153 4.59 -2.95 26.49
N ALA A 154 4.20 -3.31 25.25
CA ALA A 154 3.04 -4.16 24.97
C ALA A 154 3.26 -5.63 25.37
N VAL A 155 4.49 -6.13 25.24
CA VAL A 155 4.88 -7.50 25.56
C VAL A 155 5.91 -7.55 26.71
N PRO A 156 6.03 -8.66 27.50
CA PRO A 156 7.03 -8.69 28.59
C PRO A 156 8.49 -8.61 28.12
N GLU A 157 8.75 -8.96 26.84
CA GLU A 157 10.09 -8.90 26.23
C GLU A 157 10.45 -7.46 25.83
N ALA A 158 9.48 -6.53 25.87
CA ALA A 158 9.67 -5.12 25.54
C ALA A 158 10.04 -4.27 26.76
N VAL A 159 10.09 -4.89 27.96
CA VAL A 159 10.46 -4.23 29.22
C VAL A 159 11.95 -3.76 29.21
N PRO A 160 12.97 -4.58 28.78
CA PRO A 160 14.34 -4.06 28.73
C PRO A 160 14.56 -2.89 27.77
N THR A 161 13.65 -2.74 26.76
CA THR A 161 13.65 -1.65 25.78
C THR A 161 13.27 -0.34 26.51
N LYS A 162 12.24 -0.40 27.38
CA LYS A 162 11.74 0.71 28.19
C LYS A 162 12.82 1.20 29.16
N ARG A 163 13.61 0.25 29.73
CA ARG A 163 14.71 0.51 30.65
C ARG A 163 15.82 1.32 29.96
N LYS A 164 16.10 1.01 28.67
CA LYS A 164 17.09 1.69 27.84
C LYS A 164 16.64 3.12 27.53
N TRP A 165 15.33 3.30 27.29
CA TRP A 165 14.69 4.57 26.97
C TRP A 165 14.63 5.52 28.16
N GLU A 166 14.35 4.99 29.36
CA GLU A 166 14.27 5.76 30.61
C GLU A 166 15.66 6.23 31.04
N GLU A 167 16.70 5.43 30.73
CA GLU A 167 18.10 5.72 31.02
C GLU A 167 18.63 6.86 30.14
N GLY A 168 18.30 6.81 28.85
CA GLY A 168 18.70 7.81 27.87
C GLY A 168 17.88 9.08 27.90
N GLY A 169 16.61 8.96 28.27
CA GLY A 169 15.66 10.07 28.36
C GLY A 169 15.24 10.61 27.01
N TYR A 170 14.92 9.69 26.07
CA TYR A 170 14.51 10.02 24.70
C TYR A 170 13.09 10.63 24.61
N ALA A 171 12.26 10.42 25.66
CA ALA A 171 10.88 10.89 25.75
C ALA A 171 10.68 12.39 25.47
N GLU A 172 11.60 13.23 25.98
CA GLU A 172 11.56 14.69 25.80
C GLU A 172 11.93 15.09 24.36
N GLY A 173 12.97 14.45 23.81
CA GLY A 173 13.45 14.68 22.45
C GLY A 173 12.49 14.23 21.38
N LEU A 174 11.69 13.20 21.68
CA LEU A 174 10.67 12.65 20.78
C LEU A 174 9.39 13.51 20.81
N LYS A 175 9.08 14.09 21.99
CA LYS A 175 7.92 14.97 22.22
C LYS A 175 8.02 16.25 21.35
N GLN A 176 9.20 16.90 21.34
CA GLN A 176 9.45 18.12 20.56
C GLN A 176 9.49 17.87 19.04
N TYR A 177 9.77 16.62 18.62
CA TYR A 177 9.79 16.25 17.20
C TYR A 177 8.36 16.09 16.67
N LEU A 178 7.54 15.23 17.33
CA LEU A 178 6.16 14.94 16.94
C LEU A 178 5.21 16.13 17.00
N GLU A 179 5.48 17.09 17.92
CA GLU A 179 4.65 18.28 18.12
C GLU A 179 5.10 19.52 17.34
N GLU A 180 6.41 19.67 17.05
CA GLU A 180 6.93 20.85 16.36
C GLU A 180 7.62 20.55 15.01
N THR A 181 8.67 19.71 15.01
CA THR A 181 9.48 19.37 13.83
C THR A 181 8.66 18.68 12.71
N CYS A 182 7.91 17.62 13.07
CA CYS A 182 7.05 16.83 12.17
C CYS A 182 5.94 17.68 11.55
N VAL A 183 5.32 18.56 12.36
CA VAL A 183 4.23 19.46 11.97
C VAL A 183 4.71 20.51 10.97
N GLU A 184 5.87 21.16 11.24
CA GLU A 184 6.48 22.18 10.39
C GLU A 184 6.76 21.70 8.97
N TRP A 185 7.39 20.53 8.82
CA TRP A 185 7.75 19.96 7.52
C TRP A 185 6.55 19.40 6.75
N LEU A 186 5.54 18.84 7.45
CA LEU A 186 4.32 18.31 6.81
C LEU A 186 3.55 19.45 6.14
N ARG A 187 3.49 20.63 6.79
CA ARG A 187 2.84 21.83 6.26
C ARG A 187 3.54 22.32 4.98
N ARG A 188 4.88 22.13 4.90
CA ARG A 188 5.70 22.48 3.74
C ARG A 188 5.41 21.52 2.58
N TYR A 189 5.38 20.19 2.86
CA TYR A 189 5.11 19.13 1.87
C TYR A 189 3.72 19.25 1.26
N VAL A 190 2.73 19.66 2.07
CA VAL A 190 1.34 19.87 1.68
C VAL A 190 1.27 21.06 0.70
N GLU A 191 2.05 22.13 0.98
CA GLU A 191 2.14 23.33 0.15
C GLU A 191 2.85 23.03 -1.18
N TYR A 192 3.90 22.18 -1.15
CA TYR A 192 4.69 21.79 -2.33
C TYR A 192 3.87 20.91 -3.29
N GLY A 193 3.13 19.94 -2.75
CA GLY A 193 2.34 19.00 -3.52
C GLY A 193 0.85 19.26 -3.55
N LYS A 194 0.43 20.52 -3.30
CA LYS A 194 -0.98 20.96 -3.30
C LYS A 194 -1.64 20.73 -4.66
N ALA A 195 -0.92 21.01 -5.76
CA ALA A 195 -1.40 20.85 -7.13
C ALA A 195 -1.60 19.38 -7.54
N GLU A 196 -0.69 18.48 -7.13
CA GLU A 196 -0.75 17.06 -7.45
C GLU A 196 -1.76 16.29 -6.58
N LEU A 197 -1.76 16.52 -5.25
CA LEU A 197 -2.68 15.87 -4.30
C LEU A 197 -4.14 16.24 -4.52
N GLY A 198 -4.38 17.46 -4.97
CA GLY A 198 -5.73 17.98 -5.23
C GLY A 198 -6.21 17.79 -6.66
N ARG A 199 -5.37 17.22 -7.53
CA ARG A 199 -5.70 16.99 -8.94
C ARG A 199 -6.60 15.77 -9.08
N ARG A 200 -7.82 15.98 -9.60
CA ARG A 200 -8.82 14.93 -9.81
C ARG A 200 -8.63 14.22 -11.15
N GLU A 201 -8.76 12.88 -11.13
CA GLU A 201 -8.64 12.02 -12.30
C GLU A 201 -9.90 11.17 -12.46
N ARG A 202 -10.56 11.30 -13.63
CA ARG A 202 -11.80 10.60 -13.97
C ARG A 202 -11.55 9.10 -14.24
N PRO A 203 -12.39 8.19 -13.70
CA PRO A 203 -12.16 6.76 -13.96
C PRO A 203 -12.72 6.25 -15.28
N GLU A 204 -12.04 5.26 -15.88
CA GLU A 204 -12.48 4.60 -17.12
C GLU A 204 -13.28 3.38 -16.67
N VAL A 205 -14.62 3.48 -16.79
CA VAL A 205 -15.56 2.46 -16.32
C VAL A 205 -15.94 1.44 -17.42
N ARG A 206 -16.01 0.15 -17.04
CA ARG A 206 -16.39 -0.96 -17.91
C ARG A 206 -17.34 -1.90 -17.19
N VAL A 207 -18.42 -2.31 -17.86
CA VAL A 207 -19.43 -3.23 -17.31
C VAL A 207 -19.32 -4.58 -18.03
N TRP A 208 -19.19 -5.67 -17.25
CA TRP A 208 -19.05 -7.03 -17.79
C TRP A 208 -20.04 -8.02 -17.15
N GLY A 209 -20.16 -9.19 -17.76
CA GLY A 209 -21.04 -10.26 -17.31
C GLY A 209 -20.52 -11.64 -17.65
N LYS A 210 -20.68 -12.59 -16.72
CA LYS A 210 -20.25 -13.98 -16.88
C LYS A 210 -21.39 -14.93 -16.49
N GLU A 211 -21.66 -15.92 -17.36
CA GLU A 211 -22.71 -16.92 -17.17
C GLU A 211 -22.11 -18.27 -16.74
N ALA A 212 -22.55 -18.78 -15.56
CA ALA A 212 -22.10 -20.05 -14.99
C ALA A 212 -23.16 -20.67 -14.08
N ASP A 213 -23.59 -21.91 -14.41
CA ASP A 213 -24.58 -22.73 -13.70
C ASP A 213 -25.90 -22.00 -13.39
N GLY A 214 -26.45 -21.34 -14.40
CA GLY A 214 -27.70 -20.60 -14.31
C GLY A 214 -27.62 -19.32 -13.49
N ILE A 215 -26.39 -18.81 -13.26
CA ILE A 215 -26.12 -17.60 -12.50
C ILE A 215 -25.31 -16.62 -13.35
N LEU A 216 -25.82 -15.39 -13.50
CA LEU A 216 -25.17 -14.32 -14.26
C LEU A 216 -24.48 -13.36 -13.29
N THR A 217 -23.14 -13.41 -13.25
CA THR A 217 -22.34 -12.55 -12.39
C THR A 217 -21.97 -11.28 -13.16
N LEU A 218 -22.46 -10.13 -12.71
CA LEU A 218 -22.21 -8.84 -13.33
C LEU A 218 -21.06 -8.12 -12.62
N SER A 219 -20.09 -7.60 -13.39
CA SER A 219 -18.92 -6.90 -12.86
C SER A 219 -18.84 -5.46 -13.36
N CYS A 220 -18.32 -4.56 -12.50
CA CYS A 220 -18.12 -3.15 -12.81
C CYS A 220 -16.73 -2.73 -12.36
N ARG A 221 -15.86 -2.40 -13.32
CA ARG A 221 -14.48 -2.02 -13.06
C ARG A 221 -14.20 -0.55 -13.34
N ALA A 222 -13.54 0.13 -12.39
CA ALA A 222 -13.16 1.54 -12.51
C ALA A 222 -11.63 1.62 -12.65
N HIS A 223 -11.16 2.08 -13.83
CA HIS A 223 -9.74 2.17 -14.16
C HIS A 223 -9.14 3.57 -14.01
N GLY A 224 -8.06 3.67 -13.24
CA GLY A 224 -7.27 4.86 -12.99
C GLY A 224 -7.93 6.10 -12.43
N PHE A 225 -8.42 6.04 -11.17
CA PHE A 225 -9.04 7.21 -10.53
C PHE A 225 -8.20 7.80 -9.39
N TYR A 226 -8.27 9.14 -9.23
CA TYR A 226 -7.60 9.89 -8.18
C TYR A 226 -8.50 11.05 -7.72
N PRO A 227 -8.72 11.30 -6.40
CA PRO A 227 -8.16 10.61 -5.22
C PRO A 227 -8.69 9.19 -4.97
N ARG A 228 -8.15 8.54 -3.92
CA ARG A 228 -8.47 7.18 -3.49
C ARG A 228 -9.95 6.95 -3.07
N PRO A 229 -10.65 7.84 -2.30
CA PRO A 229 -12.04 7.53 -1.92
C PRO A 229 -13.01 7.42 -3.10
N ILE A 230 -13.79 6.32 -3.13
CA ILE A 230 -14.77 6.02 -4.18
C ILE A 230 -15.95 5.21 -3.64
N VAL A 231 -17.16 5.43 -4.20
CA VAL A 231 -18.37 4.70 -3.83
C VAL A 231 -18.94 4.08 -5.12
N VAL A 232 -18.62 2.80 -5.35
CA VAL A 232 -19.08 2.05 -6.53
C VAL A 232 -20.16 1.07 -6.07
N SER A 233 -21.42 1.35 -6.42
CA SER A 233 -22.57 0.54 -6.04
C SER A 233 -23.42 0.07 -7.22
N TRP A 234 -24.05 -1.11 -7.07
CA TRP A 234 -24.93 -1.72 -8.06
C TRP A 234 -26.39 -1.33 -7.80
N LEU A 235 -27.13 -1.06 -8.88
CA LEU A 235 -28.54 -0.66 -8.84
C LEU A 235 -29.41 -1.57 -9.69
N LYS A 236 -30.51 -2.09 -9.12
CA LYS A 236 -31.47 -2.93 -9.85
C LYS A 236 -32.80 -2.18 -9.93
N ASP A 237 -33.26 -1.88 -11.17
CA ASP A 237 -34.48 -1.11 -11.47
C ASP A 237 -34.43 0.30 -10.85
N GLY A 238 -33.22 0.86 -10.78
CA GLY A 238 -32.93 2.17 -10.22
C GLY A 238 -32.79 2.20 -8.71
N ALA A 239 -32.75 1.03 -8.06
CA ALA A 239 -32.63 0.92 -6.60
C ALA A 239 -31.32 0.25 -6.18
N VAL A 240 -30.59 0.90 -5.25
CA VAL A 240 -29.28 0.47 -4.73
C VAL A 240 -29.37 -0.94 -4.07
N ARG A 241 -28.42 -1.82 -4.43
CA ARG A 241 -28.31 -3.19 -3.95
C ARG A 241 -26.94 -3.37 -3.26
N GLY A 242 -26.80 -2.75 -2.09
CA GLY A 242 -25.57 -2.74 -1.31
C GLY A 242 -25.14 -4.09 -0.74
N GLN A 243 -26.08 -4.81 -0.10
CA GLN A 243 -25.85 -6.11 0.53
C GLN A 243 -25.43 -7.20 -0.47
N ASP A 244 -26.16 -7.33 -1.59
CA ASP A 244 -25.89 -8.34 -2.62
C ASP A 244 -24.60 -8.11 -3.42
N ALA A 245 -24.09 -6.86 -3.43
CA ALA A 245 -22.87 -6.50 -4.14
C ALA A 245 -21.61 -6.88 -3.34
N GLN A 246 -20.62 -7.45 -4.03
CA GLN A 246 -19.33 -7.87 -3.45
C GLN A 246 -18.18 -7.11 -4.10
N SER A 247 -17.35 -6.45 -3.27
CA SER A 247 -16.21 -5.66 -3.74
C SER A 247 -14.88 -6.32 -3.37
N GLY A 248 -13.81 -5.91 -4.05
CA GLY A 248 -12.46 -6.40 -3.83
C GLY A 248 -11.55 -5.36 -3.18
N GLY A 249 -12.13 -4.22 -2.81
CA GLY A 249 -11.43 -3.10 -2.20
C GLY A 249 -10.70 -2.23 -3.21
N ILE A 250 -10.19 -1.08 -2.75
CA ILE A 250 -9.45 -0.15 -3.59
C ILE A 250 -7.99 -0.60 -3.67
N VAL A 251 -7.53 -0.94 -4.89
CA VAL A 251 -6.18 -1.43 -5.16
C VAL A 251 -5.36 -0.40 -5.98
N PRO A 252 -4.02 -0.24 -5.73
CA PRO A 252 -3.27 0.78 -6.47
C PRO A 252 -2.63 0.34 -7.79
N ASN A 253 -2.46 1.31 -8.71
CA ASN A 253 -1.79 1.11 -10.00
C ASN A 253 -0.36 1.65 -9.86
N GLY A 254 0.54 1.15 -10.71
CA GLY A 254 1.96 1.53 -10.72
C GLY A 254 2.24 3.00 -10.95
N ASP A 255 1.37 3.70 -11.72
CA ASP A 255 1.52 5.12 -12.04
C ASP A 255 1.03 6.07 -10.94
N GLY A 256 0.42 5.52 -9.88
CA GLY A 256 -0.08 6.31 -8.76
C GLY A 256 -1.59 6.30 -8.60
N THR A 257 -2.33 6.03 -9.69
CA THR A 257 -3.80 5.99 -9.70
C THR A 257 -4.35 4.74 -9.01
N TYR A 258 -5.68 4.66 -8.85
CA TYR A 258 -6.33 3.54 -8.16
C TYR A 258 -7.32 2.78 -9.04
N HIS A 259 -7.61 1.52 -8.66
CA HIS A 259 -8.52 0.59 -9.34
C HIS A 259 -9.44 -0.07 -8.31
N THR A 260 -10.69 -0.38 -8.74
CA THR A 260 -11.69 -1.06 -7.91
C THR A 260 -12.67 -1.86 -8.78
N TRP A 261 -13.19 -2.97 -8.24
CA TRP A 261 -14.17 -3.82 -8.91
C TRP A 261 -15.27 -4.27 -7.96
N VAL A 262 -16.53 -4.21 -8.43
CA VAL A 262 -17.72 -4.60 -7.67
C VAL A 262 -18.55 -5.58 -8.51
N THR A 263 -18.82 -6.78 -7.97
CA THR A 263 -19.60 -7.84 -8.62
C THR A 263 -20.96 -8.05 -7.96
N ILE A 264 -21.93 -8.57 -8.73
CA ILE A 264 -23.28 -8.87 -8.25
C ILE A 264 -23.87 -10.10 -8.96
N ASP A 265 -24.50 -11.00 -8.19
CA ASP A 265 -25.13 -12.21 -8.71
C ASP A 265 -26.55 -11.88 -9.16
N ALA A 266 -26.87 -12.26 -10.41
CA ALA A 266 -28.16 -12.00 -11.04
C ALA A 266 -28.65 -13.22 -11.85
N GLN A 267 -29.93 -13.17 -12.29
CA GLN A 267 -30.55 -14.23 -13.10
C GLN A 267 -30.31 -13.94 -14.59
N PRO A 268 -30.02 -14.97 -15.44
CA PRO A 268 -29.81 -14.69 -16.88
C PRO A 268 -31.09 -14.17 -17.54
N GLY A 269 -30.96 -13.03 -18.20
CA GLY A 269 -32.06 -12.34 -18.87
C GLY A 269 -32.54 -11.13 -18.09
N ASP A 270 -31.79 -10.75 -17.03
CA ASP A 270 -32.08 -9.61 -16.16
C ASP A 270 -30.89 -8.63 -16.10
N GLY A 271 -29.80 -8.95 -16.80
CA GLY A 271 -28.56 -8.17 -16.85
C GLY A 271 -28.68 -6.70 -17.19
N ASP A 272 -29.62 -6.33 -18.07
CA ASP A 272 -29.82 -4.93 -18.49
C ASP A 272 -30.63 -4.10 -17.48
N LYS A 273 -31.25 -4.76 -16.48
CA LYS A 273 -32.01 -4.10 -15.41
C LYS A 273 -31.07 -3.52 -14.35
N TYR A 274 -29.78 -3.95 -14.39
CA TYR A 274 -28.73 -3.53 -13.47
C TYR A 274 -27.90 -2.38 -14.03
N GLN A 275 -27.58 -1.40 -13.16
CA GLN A 275 -26.79 -0.22 -13.48
C GLN A 275 -25.70 -0.01 -12.44
N CYS A 276 -24.51 0.40 -12.90
CA CYS A 276 -23.36 0.67 -12.04
C CYS A 276 -23.28 2.17 -11.74
N ARG A 277 -23.34 2.53 -10.44
CA ARG A 277 -23.26 3.91 -9.98
C ARG A 277 -21.87 4.18 -9.40
N VAL A 278 -21.19 5.21 -9.93
CA VAL A 278 -19.84 5.61 -9.50
C VAL A 278 -19.87 7.01 -8.90
N GLU A 279 -19.53 7.12 -7.60
CA GLU A 279 -19.47 8.39 -6.86
C GLU A 279 -18.00 8.73 -6.63
N HIS A 280 -17.51 9.82 -7.24
CA HIS A 280 -16.12 10.26 -7.15
C HIS A 280 -15.99 11.78 -7.24
N ALA A 281 -14.90 12.34 -6.65
CA ALA A 281 -14.60 13.77 -6.63
C ALA A 281 -14.37 14.37 -8.02
N SER A 282 -13.88 13.56 -8.98
CA SER A 282 -13.64 13.98 -10.37
C SER A 282 -14.94 14.19 -11.14
N LEU A 283 -16.02 13.52 -10.70
CA LEU A 283 -17.35 13.58 -11.32
C LEU A 283 -18.24 14.60 -10.59
N PRO A 284 -18.89 15.55 -11.31
CA PRO A 284 -19.77 16.53 -10.63
C PRO A 284 -21.03 15.90 -10.03
N GLN A 285 -21.55 14.86 -10.71
CA GLN A 285 -22.73 14.08 -10.31
C GLN A 285 -22.43 12.58 -10.49
N PRO A 286 -23.06 11.65 -9.71
CA PRO A 286 -22.75 10.22 -9.86
C PRO A 286 -22.96 9.68 -11.27
N GLY A 287 -21.97 8.95 -11.77
CA GLY A 287 -21.99 8.36 -13.11
C GLY A 287 -22.73 7.03 -13.14
N LEU A 288 -23.71 6.92 -14.05
CA LEU A 288 -24.53 5.72 -14.24
C LEU A 288 -24.08 4.98 -15.50
N TYR A 289 -23.79 3.68 -15.37
CA TYR A 289 -23.29 2.85 -16.47
C TYR A 289 -24.06 1.55 -16.64
N SER A 290 -24.30 1.16 -17.91
CA SER A 290 -25.01 -0.07 -18.26
C SER A 290 -24.15 -0.94 -19.18
N TRP A 291 -24.39 -2.26 -19.16
CA TRP A 291 -23.67 -3.27 -19.97
C TRP A 291 -23.88 -3.09 -21.47
N ARG A 292 -25.14 -2.94 -21.91
CA ARG A 292 -25.48 -2.79 -23.33
C ARG A 292 -25.14 -1.42 -23.91
N SER A 293 -25.15 -0.35 -23.07
CA SER A 293 -24.85 1.03 -23.49
C SER A 293 -23.35 1.28 -23.77
N GLY A 294 -22.50 0.31 -23.43
CA GLY A 294 -21.05 0.37 -23.65
C GLY A 294 -20.23 0.84 -22.47
N GLY A 295 -20.87 0.90 -21.29
CA GLY A 295 -20.23 1.33 -20.04
C GLY A 295 -19.79 2.78 -20.07
N GLY A 296 -18.49 2.98 -19.92
CA GLY A 296 -17.85 4.30 -19.93
C GLY A 296 -17.67 4.92 -21.30
N LEU A 297 -17.88 4.13 -22.38
CA LEU A 297 -17.76 4.58 -23.77
C LEU A 297 -18.96 5.47 -24.17
N ASN A 298 -19.97 5.54 -23.28
CA ASN A 298 -21.19 6.34 -23.42
C ASN A 298 -20.92 7.81 -23.00
N ASP A 299 -19.78 8.06 -22.32
CA ASP A 299 -19.28 9.35 -21.80
C ASP A 299 -20.29 10.06 -20.90
N LEU B 2 0.31 -14.18 8.32
CA LEU B 2 -1.02 -14.49 7.79
C LEU B 2 -0.98 -14.78 6.28
N THR B 3 -2.07 -15.36 5.75
CA THR B 3 -2.23 -15.74 4.34
C THR B 3 -2.52 -14.50 3.46
N PRO B 4 -1.79 -14.30 2.32
CA PRO B 4 -2.04 -13.12 1.49
C PRO B 4 -3.34 -13.14 0.70
N LYS B 5 -3.95 -11.95 0.52
CA LYS B 5 -5.18 -11.72 -0.23
C LYS B 5 -4.74 -11.10 -1.56
N VAL B 6 -4.87 -11.87 -2.65
CA VAL B 6 -4.39 -11.49 -3.98
C VAL B 6 -5.51 -11.28 -5.00
N GLN B 7 -5.31 -10.29 -5.89
CA GLN B 7 -6.19 -9.96 -7.02
C GLN B 7 -5.37 -9.42 -8.19
N VAL B 8 -5.69 -9.87 -9.42
CA VAL B 8 -5.00 -9.49 -10.65
C VAL B 8 -5.93 -8.63 -11.54
N TYR B 9 -5.40 -7.51 -12.06
CA TYR B 9 -6.14 -6.51 -12.85
C TYR B 9 -5.22 -5.74 -13.80
N SER B 10 -5.80 -5.10 -14.84
CA SER B 10 -5.07 -4.30 -15.81
C SER B 10 -5.24 -2.80 -15.53
N ARG B 11 -4.24 -1.98 -15.88
CA ARG B 11 -4.24 -0.53 -15.70
C ARG B 11 -5.36 0.15 -16.49
N PHE B 12 -5.45 -0.15 -17.80
CA PHE B 12 -6.47 0.38 -18.70
C PHE B 12 -7.37 -0.77 -19.17
N PRO B 13 -8.63 -0.51 -19.64
CA PRO B 13 -9.45 -1.62 -20.15
C PRO B 13 -8.77 -2.31 -21.32
N ALA B 14 -8.73 -3.65 -21.30
CA ALA B 14 -8.08 -4.50 -22.30
C ALA B 14 -8.59 -4.27 -23.72
N SER B 15 -7.65 -4.09 -24.66
CA SER B 15 -7.91 -3.85 -26.08
C SER B 15 -6.97 -4.71 -26.95
N ALA B 16 -7.42 -5.05 -28.17
CA ALA B 16 -6.67 -5.87 -29.12
C ALA B 16 -5.43 -5.16 -29.66
N GLY B 17 -4.27 -5.78 -29.40
CA GLY B 17 -2.95 -5.30 -29.82
C GLY B 17 -2.56 -3.92 -29.33
N THR B 18 -3.07 -3.52 -28.14
CA THR B 18 -2.80 -2.21 -27.54
C THR B 18 -2.04 -2.39 -26.23
N LYS B 19 -0.93 -1.64 -26.06
CA LYS B 19 -0.06 -1.67 -24.87
C LYS B 19 -0.86 -1.36 -23.59
N ASN B 20 -0.60 -2.14 -22.53
CA ASN B 20 -1.26 -2.04 -21.22
C ASN B 20 -0.27 -2.44 -20.11
N VAL B 21 -0.74 -2.47 -18.84
CA VAL B 21 0.08 -2.85 -17.69
C VAL B 21 -0.70 -3.87 -16.85
N LEU B 22 -0.14 -5.08 -16.66
CA LEU B 22 -0.75 -6.13 -15.85
C LEU B 22 -0.27 -5.97 -14.41
N ASN B 23 -1.23 -5.79 -13.48
CA ASN B 23 -0.96 -5.58 -12.07
C ASN B 23 -1.39 -6.77 -11.22
N CYS B 24 -0.58 -7.11 -10.20
CA CYS B 24 -0.87 -8.16 -9.24
C CYS B 24 -0.58 -7.63 -7.84
N PHE B 25 -1.64 -7.39 -7.07
CA PHE B 25 -1.53 -6.83 -5.72
C PHE B 25 -1.87 -7.86 -4.64
N ALA B 26 -0.94 -8.04 -3.69
CA ALA B 26 -1.08 -8.95 -2.55
C ALA B 26 -0.99 -8.14 -1.26
N ALA B 27 -1.89 -8.42 -0.30
CA ALA B 27 -1.95 -7.72 0.99
C ALA B 27 -2.44 -8.63 2.13
N GLY B 28 -2.18 -8.21 3.37
CA GLY B 28 -2.58 -8.93 4.57
C GLY B 28 -1.78 -10.19 4.84
N PHE B 29 -0.45 -10.11 4.67
CA PHE B 29 0.44 -11.25 4.87
C PHE B 29 1.63 -11.00 5.81
N HIS B 30 2.13 -12.09 6.42
CA HIS B 30 3.30 -12.15 7.30
C HIS B 30 3.83 -13.60 7.29
N PRO B 31 5.15 -13.87 7.14
CA PRO B 31 6.29 -12.93 7.01
C PRO B 31 6.31 -12.11 5.71
N PRO B 32 7.11 -11.01 5.63
CA PRO B 32 7.11 -10.18 4.41
C PRO B 32 7.67 -10.85 3.13
N LYS B 33 8.42 -11.96 3.27
CA LYS B 33 8.99 -12.69 2.14
C LYS B 33 7.86 -13.33 1.32
N ILE B 34 7.70 -12.87 0.07
CA ILE B 34 6.66 -13.33 -0.85
C ILE B 34 7.20 -13.43 -2.29
N SER B 35 6.85 -14.54 -2.98
CA SER B 35 7.26 -14.76 -4.36
C SER B 35 6.04 -14.56 -5.26
N ILE B 36 6.02 -13.44 -6.00
CA ILE B 36 4.93 -13.07 -6.91
C ILE B 36 5.46 -13.13 -8.35
N THR B 37 4.79 -13.89 -9.22
CA THR B 37 5.21 -14.06 -10.61
C THR B 37 4.06 -13.86 -11.61
N LEU B 38 4.21 -12.87 -12.50
CA LEU B 38 3.24 -12.58 -13.57
C LEU B 38 3.54 -13.53 -14.72
N MET B 39 2.52 -14.26 -15.20
CA MET B 39 2.69 -15.26 -16.27
C MET B 39 1.92 -14.99 -17.55
N LYS B 40 2.46 -15.50 -18.68
CA LYS B 40 1.88 -15.46 -20.01
C LYS B 40 1.90 -16.91 -20.49
N ASP B 41 0.76 -17.62 -20.35
CA ASP B 41 0.55 -19.03 -20.68
C ASP B 41 1.49 -19.95 -19.87
N GLY B 42 1.62 -19.64 -18.57
CA GLY B 42 2.46 -20.37 -17.63
C GLY B 42 3.94 -20.07 -17.73
N VAL B 43 4.30 -18.95 -18.39
CA VAL B 43 5.70 -18.51 -18.60
C VAL B 43 5.91 -17.12 -17.94
N PRO B 44 6.92 -16.96 -17.05
CA PRO B 44 7.13 -15.64 -16.40
C PRO B 44 7.37 -14.48 -17.38
N MET B 45 6.57 -13.42 -17.22
CA MET B 45 6.59 -12.21 -18.04
C MET B 45 7.81 -11.32 -17.80
N GLU B 46 8.37 -10.76 -18.89
CA GLU B 46 9.54 -9.89 -18.91
C GLU B 46 9.26 -8.48 -18.34
N GLY B 47 10.26 -7.91 -17.68
CA GLY B 47 10.24 -6.56 -17.12
C GLY B 47 9.26 -6.28 -16.01
N ALA B 48 9.13 -7.22 -15.05
CA ALA B 48 8.22 -7.07 -13.92
C ALA B 48 8.82 -6.13 -12.87
N GLN B 49 8.07 -5.07 -12.50
CA GLN B 49 8.48 -4.08 -11.51
C GLN B 49 7.85 -4.40 -10.15
N TYR B 50 8.71 -4.62 -9.14
CA TYR B 50 8.31 -4.99 -7.79
C TYR B 50 8.37 -3.77 -6.86
N SER B 51 7.25 -3.47 -6.19
CA SER B 51 7.15 -2.32 -5.28
C SER B 51 7.91 -2.57 -3.97
N ASP B 52 8.37 -1.48 -3.33
CA ASP B 52 9.12 -1.50 -2.08
C ASP B 52 8.23 -1.99 -0.93
N MET B 53 8.84 -2.71 0.05
CA MET B 53 8.13 -3.27 1.19
C MET B 53 7.47 -2.21 2.08
N SER B 54 6.13 -2.29 2.14
CA SER B 54 5.26 -1.40 2.92
C SER B 54 4.20 -2.21 3.66
N PHE B 55 3.79 -1.74 4.85
CA PHE B 55 2.79 -2.42 5.68
C PHE B 55 1.61 -1.53 6.07
N ASN B 56 0.47 -2.17 6.43
CA ASN B 56 -0.77 -1.50 6.82
C ASN B 56 -0.95 -1.38 8.34
N ASP B 57 -2.11 -0.84 8.77
CA ASP B 57 -2.55 -0.58 10.16
C ASP B 57 -2.29 -1.73 11.14
N ASP B 58 -2.59 -2.97 10.73
CA ASP B 58 -2.43 -4.20 11.52
C ASP B 58 -1.05 -4.86 11.36
N TRP B 59 -0.05 -4.08 10.87
CA TRP B 59 1.35 -4.47 10.61
C TRP B 59 1.50 -5.49 9.44
N THR B 60 0.39 -5.84 8.77
CA THR B 60 0.42 -6.79 7.65
C THR B 60 0.99 -6.13 6.39
N PHE B 61 1.92 -6.82 5.72
CA PHE B 61 2.62 -6.34 4.53
C PHE B 61 1.80 -6.35 3.24
N GLN B 62 2.22 -5.53 2.27
CA GLN B 62 1.59 -5.41 0.95
C GLN B 62 2.62 -5.15 -0.15
N ARG B 63 2.39 -5.72 -1.35
CA ARG B 63 3.28 -5.55 -2.50
C ARG B 63 2.50 -5.55 -3.82
N LEU B 64 2.84 -4.59 -4.70
CA LEU B 64 2.26 -4.46 -6.04
C LEU B 64 3.32 -4.83 -7.09
N VAL B 65 2.97 -5.77 -7.97
CA VAL B 65 3.85 -6.22 -9.05
C VAL B 65 3.19 -5.87 -10.38
N HIS B 66 3.81 -4.97 -11.14
CA HIS B 66 3.30 -4.50 -12.43
C HIS B 66 4.30 -4.65 -13.57
N ALA B 67 3.80 -5.02 -14.76
CA ALA B 67 4.64 -5.19 -15.96
C ALA B 67 3.92 -4.70 -17.22
N ASP B 68 4.66 -3.96 -18.06
CA ASP B 68 4.16 -3.42 -19.34
C ASP B 68 4.01 -4.58 -20.32
N PHE B 69 2.81 -4.74 -20.91
CA PHE B 69 2.52 -5.85 -21.82
C PHE B 69 1.46 -5.51 -22.88
N THR B 70 1.42 -6.29 -23.95
CA THR B 70 0.42 -6.16 -25.02
C THR B 70 -0.45 -7.43 -24.96
N PRO B 71 -1.75 -7.31 -24.57
CA PRO B 71 -2.60 -8.52 -24.50
C PRO B 71 -2.85 -9.18 -25.85
N SER B 72 -2.40 -10.43 -25.97
CA SER B 72 -2.53 -11.25 -27.18
C SER B 72 -3.80 -12.09 -27.12
N SER B 73 -4.48 -12.25 -28.27
CA SER B 73 -5.70 -13.04 -28.40
C SER B 73 -5.37 -14.53 -28.31
N GLY B 74 -6.11 -15.24 -27.47
CA GLY B 74 -5.92 -16.68 -27.25
C GLY B 74 -4.82 -17.01 -26.27
N SER B 75 -4.37 -16.00 -25.49
CA SER B 75 -3.32 -16.15 -24.47
C SER B 75 -3.91 -15.96 -23.07
N THR B 76 -3.43 -16.75 -22.10
CA THR B 76 -3.89 -16.71 -20.71
C THR B 76 -2.87 -16.00 -19.83
N TYR B 77 -3.30 -14.91 -19.16
CA TYR B 77 -2.45 -14.12 -18.27
C TYR B 77 -2.87 -14.39 -16.82
N ALA B 78 -1.89 -14.80 -15.99
CA ALA B 78 -2.13 -15.14 -14.58
C ALA B 78 -1.04 -14.64 -13.63
N CYS B 79 -1.26 -14.81 -12.31
CA CYS B 79 -0.33 -14.41 -11.27
C CYS B 79 -0.12 -15.56 -10.26
N LYS B 80 1.13 -16.04 -10.14
CA LYS B 80 1.52 -17.12 -9.22
C LYS B 80 2.06 -16.53 -7.92
N VAL B 81 1.49 -16.96 -6.78
CA VAL B 81 1.88 -16.47 -5.45
C VAL B 81 2.40 -17.63 -4.58
N GLU B 82 3.62 -17.46 -4.03
CA GLU B 82 4.26 -18.43 -3.15
C GLU B 82 4.57 -17.79 -1.78
N HIS B 83 4.03 -18.39 -0.72
CA HIS B 83 4.18 -17.94 0.67
C HIS B 83 4.20 -19.18 1.59
N GLU B 84 4.93 -19.09 2.72
CA GLU B 84 5.06 -20.20 3.68
C GLU B 84 3.74 -20.57 4.39
N THR B 85 2.75 -19.65 4.39
CA THR B 85 1.43 -19.87 5.00
C THR B 85 0.44 -20.52 4.01
N LEU B 86 0.84 -20.66 2.73
CA LEU B 86 0.01 -21.21 1.66
C LEU B 86 0.11 -22.72 1.44
N LYS B 87 1.26 -23.35 1.80
CA LYS B 87 1.55 -24.79 1.63
C LYS B 87 1.79 -25.13 0.14
N GLU B 88 0.79 -24.89 -0.72
CA GLU B 88 0.84 -25.10 -2.17
C GLU B 88 0.69 -23.74 -2.89
N PRO B 89 1.43 -23.47 -4.00
CA PRO B 89 1.30 -22.16 -4.67
C PRO B 89 -0.08 -21.88 -5.26
N GLN B 90 -0.56 -20.64 -5.11
CA GLN B 90 -1.86 -20.18 -5.60
C GLN B 90 -1.73 -19.34 -6.87
N VAL B 91 -2.53 -19.66 -7.90
CA VAL B 91 -2.53 -18.97 -9.19
C VAL B 91 -3.85 -18.20 -9.37
N TYR B 92 -3.75 -16.90 -9.70
CA TYR B 92 -4.89 -16.01 -9.88
C TYR B 92 -5.03 -15.58 -11.35
N LYS B 93 -6.18 -15.94 -11.97
CA LYS B 93 -6.49 -15.68 -13.37
C LYS B 93 -7.00 -14.26 -13.62
N TRP B 94 -6.46 -13.61 -14.68
CA TRP B 94 -6.88 -12.29 -15.13
C TRP B 94 -7.83 -12.46 -16.32
N ASP B 95 -8.99 -11.80 -16.25
CA ASP B 95 -9.98 -11.85 -17.31
C ASP B 95 -10.04 -10.51 -18.06
N PRO B 96 -9.78 -10.49 -19.38
CA PRO B 96 -9.83 -9.21 -20.12
C PRO B 96 -11.24 -8.64 -20.28
N GLU B 97 -12.26 -9.52 -20.27
CA GLU B 97 -13.66 -9.15 -20.43
C GLU B 97 -14.50 -9.37 -19.14
N PHE B 98 -13.86 -9.14 -17.96
CA PHE B 98 -14.49 -9.26 -16.64
C PHE B 98 -13.70 -8.49 -15.58
N TYR C 1 10.86 14.98 6.82
CA TYR C 1 12.04 15.18 7.65
C TYR C 1 12.06 14.08 8.70
N GLU C 2 12.92 13.08 8.51
CA GLU C 2 13.02 11.93 9.39
C GLU C 2 13.65 12.22 10.75
N LEU C 3 13.16 11.49 11.76
CA LEU C 3 13.57 11.50 13.15
C LEU C 3 14.95 10.82 13.30
N ASP C 4 15.74 11.22 14.32
CA ASP C 4 17.07 10.69 14.63
C ASP C 4 17.07 9.16 14.85
N GLU C 5 18.18 8.50 14.47
CA GLU C 5 18.39 7.05 14.55
C GLU C 5 18.34 6.47 15.97
N LYS C 6 18.67 7.29 17.01
CA LYS C 6 18.67 6.88 18.41
C LYS C 6 17.28 6.49 18.95
N PHE C 7 16.21 6.98 18.29
CA PHE C 7 14.82 6.72 18.65
C PHE C 7 14.29 5.38 18.09
N ASP C 8 15.12 4.67 17.31
CA ASP C 8 14.79 3.37 16.74
C ASP C 8 15.37 2.23 17.59
N ARG C 9 16.12 2.58 18.66
CA ARG C 9 16.78 1.66 19.58
C ARG C 9 15.80 0.78 20.35
N LEU C 10 16.08 -0.54 20.35
CA LEU C 10 15.28 -1.55 21.05
C LEU C 10 16.16 -2.37 22.01
C1 EDO D . 11.67 -8.03 0.95
O1 EDO D . 10.99 -9.05 0.25
C2 EDO D . 11.95 -6.82 0.03
O2 EDO D . 12.53 -5.77 0.77
C1 EDO E . 2.77 2.23 -14.80
O1 EDO E . 3.91 1.39 -14.65
C2 EDO E . 1.50 1.43 -14.44
O2 EDO E . 0.36 2.26 -14.54
C1 EDO F . -2.65 1.89 6.65
O1 EDO F . -2.13 3.19 6.88
C2 EDO F . -4.20 1.94 6.73
O2 EDO F . -4.70 0.62 6.61
C1 EDO G . 1.14 0.60 12.36
O1 EDO G . -0.15 0.65 12.95
C2 EDO G . 1.02 0.88 10.85
O2 EDO G . 0.42 2.14 10.65
C1 EDO H . -3.86 1.88 1.77
O1 EDO H . -3.21 0.64 1.98
C2 EDO H . -3.71 2.77 3.03
O2 EDO H . -2.49 3.49 2.96
C1 EDO I . 0.06 1.37 2.48
O1 EDO I . 0.04 2.27 1.38
C2 EDO I . 0.99 1.91 3.59
O2 EDO I . 0.52 3.16 4.05
#